data_2AOF
#
_entry.id   2AOF
#
_cell.length_a   58.457
_cell.length_b   85.851
_cell.length_c   46.394
_cell.angle_alpha   90.00
_cell.angle_beta   90.00
_cell.angle_gamma   90.00
#
_symmetry.space_group_name_H-M   'P 21 21 2'
#
loop_
_entity.id
_entity.type
_entity.pdbx_description
1 polymer 'POL POLYPROTEIN'
2 polymer 'PEPTIDE INHIBITOR'
3 non-polymer 'SODIUM ION'
4 non-polymer 'CHLORIDE ION'
5 non-polymer 'ACETIC ACID'
6 water water
#
loop_
_entity_poly.entity_id
_entity_poly.type
_entity_poly.pdbx_seq_one_letter_code
_entity_poly.pdbx_strand_id
1 'polypeptide(L)'
;PQITLWKRPLVTIKIGGQLKEALLDTGADDTVIEEMSLPGRWKPKMIGGIGGFIKVRQYDQIIIEIAGHKAIGTVLVGPT
PANIIGRNLLTQIGATLNF
;
A,B
2 'polypeptide(L)' RPGN(FRD)LQSRP(NH2) C
#
loop_
_chem_comp.id
_chem_comp.type
_chem_comp.name
_chem_comp.formula
ACY non-polymer 'ACETIC ACID' 'C2 H4 O2'
CL non-polymer 'CHLORIDE ION' 'Cl -1'
NA non-polymer 'SODIUM ION' 'Na 1'
NH2 non-polymer 'AMINO GROUP' 'H2 N'
#
# COMPACT_ATOMS: atom_id res chain seq x y z
N PRO A 1 15.57 -11.87 -4.14
CA PRO A 1 15.64 -10.81 -5.15
C PRO A 1 15.59 -9.44 -4.49
N GLN A 2 16.02 -8.47 -5.28
CA GLN A 2 15.85 -7.06 -4.94
C GLN A 2 14.93 -6.50 -6.00
N ILE A 3 13.85 -5.90 -5.52
CA ILE A 3 12.83 -5.34 -6.40
C ILE A 3 12.83 -3.81 -6.27
N THR A 4 13.12 -3.16 -7.38
CA THR A 4 13.06 -1.72 -7.39
C THR A 4 11.61 -1.26 -7.49
N LEU A 5 11.39 0.02 -7.34
CA LEU A 5 10.03 0.58 -7.25
C LEU A 5 9.71 1.57 -8.33
N TRP A 6 10.47 1.50 -9.43
CA TRP A 6 10.20 2.31 -10.59
C TRP A 6 8.83 1.97 -11.15
N LYS A 7 8.41 0.72 -11.04
CA LYS A 7 7.07 0.30 -11.48
C LYS A 7 6.44 -0.43 -10.32
N ARG A 8 5.16 -0.76 -10.46
CA ARG A 8 4.44 -1.49 -9.41
C ARG A 8 5.10 -2.85 -9.18
N PRO A 9 5.36 -3.21 -7.93
CA PRO A 9 6.02 -4.51 -7.65
C PRO A 9 5.05 -5.68 -7.65
N LEU A 10 4.81 -6.12 -8.89
CA LEU A 10 3.91 -7.23 -9.17
C LEU A 10 4.70 -8.51 -9.27
N VAL A 11 4.13 -9.54 -8.68
CA VAL A 11 4.71 -10.85 -8.73
C VAL A 11 3.64 -11.87 -9.04
N THR A 12 4.06 -13.07 -9.47
CA THR A 12 3.14 -14.18 -9.61
C THR A 12 2.98 -14.95 -8.31
N ILE A 13 1.78 -15.30 -8.00
CA ILE A 13 1.44 -16.10 -6.82
C ILE A 13 0.65 -17.33 -7.28
N LYS A 14 0.69 -18.34 -6.44
CA LYS A 14 -0.14 -19.54 -6.63
C LYS A 14 -1.00 -19.63 -5.37
N ILE A 15 -2.30 -19.69 -5.56
CA ILE A 15 -3.24 -19.75 -4.47
C ILE A 15 -4.45 -20.53 -4.95
N GLY A 16 -4.86 -21.50 -4.13
CA GLY A 16 -6.06 -22.21 -4.48
C GLY A 16 -5.94 -22.95 -5.79
N GLY A 17 -4.74 -23.38 -6.15
CA GLY A 17 -4.49 -24.04 -7.39
C GLY A 17 -4.44 -23.15 -8.58
N GLN A 18 -4.51 -21.86 -8.37
CA GLN A 18 -4.60 -20.87 -9.43
C GLN A 18 -3.36 -19.98 -9.45
N LEU A 19 -2.90 -19.58 -10.62
CA LEU A 19 -1.87 -18.57 -10.69
C LEU A 19 -2.54 -17.19 -10.85
N LYS A 20 -2.02 -16.22 -10.12
CA LYS A 20 -2.53 -14.85 -10.21
C LYS A 20 -1.33 -13.91 -10.15
N GLU A 21 -1.49 -12.68 -10.55
CA GLU A 21 -0.56 -11.58 -10.31
C GLU A 21 -1.03 -10.80 -9.10
N ALA A 22 -0.10 -10.39 -8.26
CA ALA A 22 -0.42 -9.63 -7.06
C ALA A 22 0.66 -8.60 -6.77
N LEU A 23 0.25 -7.56 -6.12
CA LEU A 23 1.08 -6.43 -5.73
C LEU A 23 1.68 -6.60 -4.34
N LEU A 24 3.00 -6.49 -4.24
CA LEU A 24 3.66 -6.51 -2.92
C LEU A 24 3.43 -5.14 -2.25
N ASP A 25 2.63 -5.15 -1.17
CA ASP A 25 2.10 -3.90 -0.61
C ASP A 25 2.43 -3.77 0.87
N THR A 26 3.51 -3.03 1.17
CA THR A 26 3.94 -2.82 2.53
C THR A 26 2.94 -1.95 3.28
N GLY A 27 2.06 -1.24 2.60
CA GLY A 27 1.05 -0.44 3.21
C GLY A 27 -0.23 -1.14 3.52
N ALA A 28 -0.26 -2.47 3.31
CA ALA A 28 -1.44 -3.26 3.60
C ALA A 28 -1.17 -4.19 4.77
N ASP A 29 -2.02 -4.18 5.78
CA ASP A 29 -1.88 -5.12 6.90
C ASP A 29 -2.12 -6.55 6.45
N ASP A 30 -3.07 -6.74 5.55
CA ASP A 30 -3.63 -7.99 5.18
C ASP A 30 -3.50 -8.27 3.68
N THR A 31 -3.61 -9.50 3.30
CA THR A 31 -3.58 -10.01 1.92
C THR A 31 -4.99 -10.07 1.39
N VAL A 32 -5.29 -9.47 0.25
CA VAL A 32 -6.64 -9.36 -0.31
C VAL A 32 -6.58 -9.76 -1.77
N ILE A 33 -7.41 -10.73 -2.12
CA ILE A 33 -7.48 -11.28 -3.46
C ILE A 33 -8.89 -11.12 -4.02
N GLU A 34 -8.97 -10.89 -5.33
CA GLU A 34 -10.21 -10.88 -6.06
C GLU A 34 -11.00 -12.18 -5.90
N GLU A 35 -12.29 -12.14 -6.22
CA GLU A 35 -13.16 -13.24 -5.98
C GLU A 35 -12.62 -14.54 -6.58
N MET A 36 -12.63 -15.57 -5.72
CA MET A 36 -12.21 -16.92 -6.01
C MET A 36 -12.75 -17.80 -4.89
N SER A 37 -12.77 -19.09 -5.12
CA SER A 37 -13.10 -20.10 -4.12
C SER A 37 -11.88 -20.46 -3.32
N LEU A 38 -12.02 -20.59 -2.03
CA LEU A 38 -10.99 -21.20 -1.18
C LEU A 38 -11.67 -22.20 -0.27
N PRO A 39 -10.91 -23.22 0.13
CA PRO A 39 -11.41 -24.21 1.10
C PRO A 39 -11.54 -23.70 2.53
N GLY A 40 -12.44 -24.34 3.29
CA GLY A 40 -12.52 -24.12 4.73
C GLY A 40 -13.60 -23.11 5.07
N ARG A 41 -13.57 -22.82 6.37
CA ARG A 41 -14.51 -21.90 6.98
C ARG A 41 -14.06 -20.47 6.66
N TRP A 42 -15.03 -19.57 6.69
CA TRP A 42 -14.68 -18.15 6.54
C TRP A 42 -15.60 -17.31 7.40
N LYS A 43 -15.21 -16.07 7.65
CA LYS A 43 -16.08 -15.15 8.33
C LYS A 43 -15.95 -13.77 7.68
N PRO A 44 -17.05 -13.00 7.76
CA PRO A 44 -17.01 -11.70 7.11
C PRO A 44 -16.14 -10.69 7.84
N LYS A 45 -15.61 -9.72 7.09
CA LYS A 45 -14.72 -8.69 7.56
C LYS A 45 -14.92 -7.43 6.75
N MET A 46 -14.70 -6.29 7.38
CA MET A 46 -14.64 -5.05 6.64
C MET A 46 -13.19 -4.56 6.67
N ILE A 47 -12.70 -4.14 5.51
CA ILE A 47 -11.34 -3.60 5.43
C ILE A 47 -11.41 -2.24 4.74
N GLY A 48 -10.52 -1.33 5.12
CA GLY A 48 -10.62 0.01 4.65
C GLY A 48 -9.31 0.57 4.19
N GLY A 49 -9.41 1.65 3.44
CA GLY A 49 -8.26 2.43 3.03
C GLY A 49 -8.72 3.60 2.21
N ILE A 50 -7.94 4.04 1.22
CA ILE A 50 -8.34 5.29 0.59
CA ILE A 50 -8.42 5.21 0.47
C ILE A 50 -9.72 5.52 0.09
C ILE A 50 -9.73 4.85 -0.20
N GLY A 51 -10.61 4.60 -0.44
N GLY A 51 -10.74 5.71 -0.18
CA GLY A 51 -11.86 5.21 -0.73
CA GLY A 51 -12.04 5.47 -0.77
C GLY A 51 -12.94 4.76 0.22
N GLY A 52 -12.56 4.32 1.41
CA GLY A 52 -13.49 3.76 2.36
C GLY A 52 -13.31 2.25 2.51
N PHE A 53 -14.38 1.53 2.85
CA PHE A 53 -14.33 0.12 3.19
C PHE A 53 -15.03 -0.78 2.20
N ILE A 54 -14.56 -2.01 2.10
CA ILE A 54 -15.26 -3.07 1.39
C ILE A 54 -15.40 -4.27 2.32
N LYS A 55 -16.40 -5.08 2.03
CA LYS A 55 -16.65 -6.32 2.73
C LYS A 55 -15.96 -7.47 2.02
N VAL A 56 -15.27 -8.30 2.80
CA VAL A 56 -14.53 -9.44 2.30
C VAL A 56 -14.86 -10.68 3.14
N ARG A 57 -14.46 -11.82 2.64
CA ARG A 57 -14.49 -13.09 3.34
C ARG A 57 -13.08 -13.40 3.86
N GLN A 58 -12.98 -13.73 5.13
CA GLN A 58 -11.67 -14.07 5.73
C GLN A 58 -11.51 -15.57 5.87
N TYR A 59 -10.51 -16.11 5.19
CA TYR A 59 -10.11 -17.50 5.24
C TYR A 59 -8.77 -17.62 5.93
N ASP A 60 -8.65 -18.50 6.90
CA ASP A 60 -7.44 -18.63 7.68
C ASP A 60 -6.68 -19.88 7.22
N GLN A 61 -5.38 -19.89 7.51
CA GLN A 61 -4.51 -21.04 7.24
C GLN A 61 -4.55 -21.45 5.77
N ILE A 62 -4.38 -20.45 4.91
CA ILE A 62 -4.31 -20.68 3.48
C ILE A 62 -2.86 -20.68 3.03
N ILE A 63 -2.48 -21.72 2.30
CA ILE A 63 -1.13 -21.84 1.78
C ILE A 63 -1.09 -21.09 0.45
N ILE A 64 0.01 -20.35 0.33
CA ILE A 64 0.26 -19.54 -0.81
C ILE A 64 1.72 -19.66 -1.22
N GLU A 65 2.03 -19.52 -2.51
CA GLU A 65 3.39 -19.38 -3.00
C GLU A 65 3.51 -18.01 -3.63
N ILE A 66 4.50 -17.25 -3.20
CA ILE A 66 4.66 -15.87 -3.64
C ILE A 66 6.04 -15.78 -4.26
N ALA A 67 6.06 -15.55 -5.55
CA ALA A 67 7.31 -15.56 -6.29
C ALA A 67 8.22 -16.69 -5.89
N GLY A 68 7.69 -17.90 -5.78
CA GLY A 68 8.55 -19.04 -5.42
C GLY A 68 8.72 -19.35 -3.97
N HIS A 69 8.18 -18.53 -3.09
CA HIS A 69 8.36 -18.69 -1.64
C HIS A 69 7.02 -19.11 -1.03
N LYS A 70 7.03 -20.23 -0.34
CA LYS A 70 5.80 -20.72 0.28
C LYS A 70 5.55 -20.05 1.60
N ALA A 71 4.28 -19.74 1.89
CA ALA A 71 3.88 -19.19 3.16
C ALA A 71 2.48 -19.68 3.50
N ILE A 72 2.10 -19.48 4.74
CA ILE A 72 0.72 -19.75 5.15
C ILE A 72 0.16 -18.57 5.93
N GLY A 73 -1.12 -18.27 5.76
CA GLY A 73 -1.71 -17.25 6.58
C GLY A 73 -3.14 -16.96 6.17
N THR A 74 -3.68 -15.88 6.69
CA THR A 74 -5.03 -15.46 6.39
C THR A 74 -5.04 -14.77 5.03
N VAL A 75 -6.06 -15.07 4.23
CA VAL A 75 -6.31 -14.47 2.95
C VAL A 75 -7.75 -13.98 2.95
N LEU A 76 -7.88 -12.70 2.58
CA LEU A 76 -9.19 -12.09 2.45
C LEU A 76 -9.61 -12.08 0.99
N VAL A 77 -10.86 -12.38 0.69
CA VAL A 77 -11.36 -12.49 -0.65
C VAL A 77 -12.56 -11.56 -0.84
N GLY A 78 -12.51 -10.72 -1.89
CA GLY A 78 -13.61 -9.82 -2.13
C GLY A 78 -13.31 -8.86 -3.24
N PRO A 79 -14.13 -7.82 -3.35
CA PRO A 79 -14.07 -6.95 -4.54
C PRO A 79 -12.99 -5.89 -4.46
N THR A 80 -11.76 -6.37 -4.30
CA THR A 80 -10.62 -5.48 -4.29
C THR A 80 -10.29 -5.06 -5.71
N PRO A 81 -9.88 -3.84 -5.92
CA PRO A 81 -9.45 -3.43 -7.26
C PRO A 81 -8.12 -4.02 -7.71
N ALA A 82 -7.38 -4.56 -6.78
CA ALA A 82 -6.10 -5.18 -7.10
C ALA A 82 -5.81 -6.32 -6.12
N ASN A 83 -5.23 -7.39 -6.61
CA ASN A 83 -4.73 -8.46 -5.72
C ASN A 83 -3.52 -7.89 -4.98
N ILE A 84 -3.51 -8.03 -3.68
CA ILE A 84 -2.44 -7.46 -2.86
C ILE A 84 -1.94 -8.48 -1.84
N ILE A 85 -0.61 -8.56 -1.76
CA ILE A 85 0.06 -9.30 -0.71
C ILE A 85 0.45 -8.31 0.37
N GLY A 86 -0.17 -8.46 1.52
CA GLY A 86 0.13 -7.53 2.60
C GLY A 86 1.11 -8.09 3.60
N ARG A 87 1.31 -7.34 4.69
CA ARG A 87 2.40 -7.65 5.59
C ARG A 87 2.27 -9.00 6.24
N ASN A 88 1.03 -9.49 6.46
CA ASN A 88 0.89 -10.78 7.11
C ASN A 88 1.59 -11.92 6.37
N LEU A 89 1.74 -11.78 5.04
CA LEU A 89 2.48 -12.77 4.26
C LEU A 89 3.86 -12.31 3.81
N LEU A 90 4.03 -10.99 3.65
CA LEU A 90 5.36 -10.47 3.35
C LEU A 90 6.37 -10.85 4.42
N THR A 91 5.98 -10.84 5.69
CA THR A 91 6.91 -11.20 6.75
C THR A 91 7.39 -12.64 6.55
N GLN A 92 6.51 -13.52 6.14
CA GLN A 92 6.79 -14.94 6.07
C GLN A 92 7.79 -15.30 4.99
N ILE A 93 7.84 -14.45 3.97
CA ILE A 93 8.81 -14.66 2.91
C ILE A 93 10.09 -13.89 3.19
N GLY A 94 10.18 -13.20 4.33
CA GLY A 94 11.38 -12.49 4.66
C GLY A 94 11.55 -11.16 3.98
N ALA A 95 10.47 -10.54 3.52
CA ALA A 95 10.61 -9.31 2.80
C ALA A 95 10.90 -8.12 3.71
N THR A 96 11.86 -7.31 3.29
CA THR A 96 12.21 -6.09 3.96
C THR A 96 12.25 -4.93 2.95
N LEU A 97 12.03 -3.73 3.51
CA LEU A 97 12.25 -2.49 2.81
C LEU A 97 13.65 -1.96 3.16
N ASN A 98 14.45 -1.60 2.17
CA ASN A 98 15.81 -1.20 2.42
C ASN A 98 16.15 0.11 1.72
N PHE A 99 16.81 1.04 2.38
CA PHE A 99 17.28 2.29 1.81
C PHE A 99 18.37 2.89 2.67
N PRO B 1 18.36 2.09 6.40
CA PRO B 1 17.89 1.01 7.25
C PRO B 1 17.35 -0.20 6.47
N GLN B 2 17.17 -1.30 7.21
CA GLN B 2 16.46 -2.46 6.73
C GLN B 2 15.22 -2.63 7.60
N ILE B 3 14.04 -2.46 7.04
CA ILE B 3 12.78 -2.41 7.78
C ILE B 3 11.97 -3.67 7.53
N THR B 4 11.77 -4.43 8.64
CA THR B 4 10.93 -5.61 8.56
C THR B 4 9.49 -5.18 8.65
N LEU B 5 8.58 -6.12 8.46
CA LEU B 5 7.18 -5.79 8.27
C LEU B 5 6.23 -6.42 9.26
N TRP B 6 6.76 -6.83 10.40
CA TRP B 6 5.96 -7.36 11.49
C TRP B 6 5.04 -6.28 12.06
N LYS B 7 5.43 -5.01 12.00
CA LYS B 7 4.63 -3.86 12.33
C LYS B 7 4.49 -2.98 11.10
N ARG B 8 3.55 -2.03 11.11
CA ARG B 8 3.47 -1.11 10.00
C ARG B 8 4.75 -0.30 9.84
N PRO B 9 5.22 -0.13 8.61
CA PRO B 9 6.46 0.64 8.40
C PRO B 9 6.25 2.14 8.44
N LEU B 10 6.06 2.62 9.66
CA LEU B 10 5.86 4.02 9.94
C LEU B 10 7.21 4.70 10.14
N VAL B 11 7.37 5.89 9.56
CA VAL B 11 8.52 6.72 9.72
C VAL B 11 8.12 8.17 9.95
N THR B 12 9.04 8.98 10.41
CA THR B 12 8.79 10.39 10.54
C THR B 12 9.21 11.04 9.24
N ILE B 13 8.33 11.95 8.81
CA ILE B 13 8.58 12.82 7.65
C ILE B 13 8.60 14.26 8.12
N LYS B 14 9.23 15.12 7.31
CA LYS B 14 9.17 16.54 7.59
C LYS B 14 8.75 17.24 6.31
N ILE B 15 7.69 18.02 6.44
CA ILE B 15 7.11 18.75 5.33
C ILE B 15 6.64 20.10 5.87
N GLY B 16 6.94 21.21 5.23
CA GLY B 16 6.50 22.49 5.74
C GLY B 16 7.07 22.83 7.10
N GLY B 17 8.23 22.29 7.45
CA GLY B 17 8.84 22.54 8.76
C GLY B 17 8.23 21.69 9.88
N GLN B 18 7.26 20.84 9.56
CA GLN B 18 6.54 20.12 10.58
C GLN B 18 6.81 18.63 10.43
N LEU B 19 6.97 17.97 11.55
CA LEU B 19 7.10 16.52 11.61
C LEU B 19 5.75 15.84 11.58
N LYS B 20 5.63 14.77 10.80
CA LYS B 20 4.44 13.96 10.71
C LYS B 20 4.87 12.50 10.64
N GLU B 21 3.95 11.60 10.93
CA GLU B 21 4.16 10.17 10.76
C GLU B 21 3.59 9.75 9.40
N ALA B 22 4.23 8.86 8.68
CA ALA B 22 3.71 8.37 7.42
C ALA B 22 4.13 6.91 7.23
N LEU B 23 3.36 6.23 6.42
CA LEU B 23 3.51 4.83 6.10
C LEU B 23 4.32 4.60 4.81
N LEU B 24 5.41 3.84 4.82
CA LEU B 24 6.11 3.49 3.61
C LEU B 24 5.30 2.46 2.84
N ASP B 25 4.81 2.86 1.67
CA ASP B 25 3.79 2.05 0.98
C ASP B 25 4.13 1.66 -0.44
N THR B 26 4.66 0.46 -0.63
CA THR B 26 5.06 0.00 -1.93
C THR B 26 3.88 -0.24 -2.85
N GLY B 27 2.68 -0.34 -2.28
CA GLY B 27 1.45 -0.51 -3.03
C GLY B 27 0.79 0.79 -3.45
N ALA B 28 1.47 1.91 -3.21
CA ALA B 28 0.99 3.22 -3.61
C ALA B 28 1.85 3.80 -4.72
N ASP B 29 1.17 4.20 -5.82
CA ASP B 29 1.90 4.88 -6.89
C ASP B 29 2.45 6.22 -6.41
N ASP B 30 1.66 6.91 -5.60
CA ASP B 30 1.84 8.31 -5.25
C ASP B 30 1.87 8.47 -3.73
N THR B 31 2.28 9.63 -3.32
CA THR B 31 2.35 10.06 -1.94
C THR B 31 1.13 10.88 -1.59
N VAL B 32 0.44 10.51 -0.54
CA VAL B 32 -0.83 11.16 -0.20
C VAL B 32 -0.78 11.49 1.28
N ILE B 33 -1.04 12.76 1.62
CA ILE B 33 -1.03 13.24 2.99
C ILE B 33 -2.35 13.90 3.35
N GLU B 34 -2.65 13.80 4.65
CA GLU B 34 -3.85 14.44 5.19
C GLU B 34 -3.80 15.94 5.05
N GLU B 35 -4.96 16.56 5.10
CA GLU B 35 -5.08 18.02 4.93
C GLU B 35 -4.00 18.82 5.64
N MET B 36 -3.34 19.67 4.91
CA MET B 36 -2.36 20.60 5.45
C MET B 36 -2.21 21.69 4.39
N SER B 37 -1.52 22.76 4.77
CA SER B 37 -1.28 23.83 3.80
C SER B 37 0.05 23.63 3.10
N LEU B 38 0.10 23.74 1.79
CA LEU B 38 1.30 23.72 0.99
C LEU B 38 1.33 24.93 0.06
N PRO B 39 2.52 25.37 -0.28
CA PRO B 39 2.61 26.55 -1.10
C PRO B 39 2.34 26.28 -2.55
N GLY B 40 1.97 27.32 -3.28
CA GLY B 40 1.87 27.29 -4.72
C GLY B 40 0.48 26.89 -5.18
N ARG B 41 0.44 26.65 -6.46
CA ARG B 41 -0.77 26.20 -7.12
C ARG B 41 -0.90 24.69 -7.10
N TRP B 42 -2.11 24.21 -7.13
CA TRP B 42 -2.37 22.78 -7.20
C TRP B 42 -3.22 22.47 -8.43
N LYS B 43 -3.17 21.20 -8.78
CA LYS B 43 -3.89 20.62 -9.94
C LYS B 43 -4.78 19.49 -9.45
N PRO B 44 -5.85 19.22 -10.15
CA PRO B 44 -6.75 18.15 -9.68
C PRO B 44 -6.23 16.77 -10.02
N LYS B 45 -6.55 15.79 -9.18
CA LYS B 45 -6.20 14.41 -9.44
C LYS B 45 -7.23 13.54 -8.70
N MET B 46 -7.57 12.45 -9.32
CA MET B 46 -8.46 11.42 -8.77
C MET B 46 -7.60 10.19 -8.56
N ILE B 47 -7.66 9.66 -7.36
CA ILE B 47 -6.90 8.42 -7.07
C ILE B 47 -7.79 7.33 -6.55
N GLY B 48 -7.38 6.09 -6.74
CA GLY B 48 -8.16 4.94 -6.33
C GLY B 48 -7.46 4.18 -5.22
N GLY B 49 -8.27 3.64 -4.34
CA GLY B 49 -7.82 2.86 -3.20
C GLY B 49 -8.75 1.66 -3.08
N ILE B 50 -8.52 0.95 -1.97
CA ILE B 50 -9.28 -0.27 -1.78
CA ILE B 50 -9.41 -0.18 -1.68
C ILE B 50 -10.77 -0.09 -1.78
C ILE B 50 -10.73 0.47 -1.46
N GLY B 51 -11.32 1.04 -1.35
N GLY B 51 -11.97 0.13 -1.82
CA GLY B 51 -12.69 1.39 -1.18
CA GLY B 51 -12.84 1.20 -1.26
C GLY B 51 -13.34 2.15 -2.30
N GLY B 52 -12.59 2.64 -3.24
CA GLY B 52 -13.11 3.52 -4.27
C GLY B 52 -12.16 4.66 -4.50
N PHE B 53 -12.64 5.76 -4.99
CA PHE B 53 -11.86 6.87 -5.49
C PHE B 53 -12.06 8.13 -4.65
N ILE B 54 -10.99 8.92 -4.56
CA ILE B 54 -11.14 10.21 -3.93
C ILE B 54 -10.46 11.28 -4.79
N LYS B 55 -10.95 12.52 -4.62
CA LYS B 55 -10.30 13.68 -5.21
C LYS B 55 -9.23 14.23 -4.26
N VAL B 56 -8.09 14.60 -4.83
CA VAL B 56 -7.00 15.18 -4.03
C VAL B 56 -6.46 16.44 -4.71
N ARG B 57 -5.64 17.19 -4.02
CA ARG B 57 -4.92 18.32 -4.55
C ARG B 57 -3.50 17.90 -4.87
N GLN B 58 -3.06 18.08 -6.09
CA GLN B 58 -1.69 17.74 -6.45
C GLN B 58 -0.77 18.94 -6.39
N TYR B 59 0.25 18.88 -5.57
CA TYR B 59 1.29 19.91 -5.45
C TYR B 59 2.59 19.29 -5.96
N ASP B 60 3.26 19.99 -6.85
CA ASP B 60 4.50 19.48 -7.41
C ASP B 60 5.73 20.14 -6.75
N GLN B 61 6.85 19.45 -6.82
CA GLN B 61 8.15 19.95 -6.40
C GLN B 61 8.17 20.42 -4.96
N ILE B 62 7.57 19.62 -4.08
CA ILE B 62 7.53 19.91 -2.66
C ILE B 62 8.70 19.28 -1.97
N ILE B 63 9.36 20.05 -1.12
CA ILE B 63 10.48 19.59 -0.32
C ILE B 63 9.94 18.74 0.84
N ILE B 64 10.45 17.54 0.97
CA ILE B 64 9.96 16.60 1.99
C ILE B 64 11.12 15.73 2.41
N GLU B 65 11.29 15.52 3.72
CA GLU B 65 12.29 14.62 4.26
C GLU B 65 11.56 13.36 4.74
N ILE B 66 12.10 12.19 4.41
CA ILE B 66 11.51 10.91 4.71
C ILE B 66 12.54 10.08 5.49
N ALA B 67 12.29 9.88 6.78
CA ALA B 67 13.25 9.12 7.59
C ALA B 67 14.66 9.66 7.46
N GLY B 68 14.75 11.00 7.38
CA GLY B 68 16.03 11.65 7.24
C GLY B 68 16.59 11.80 5.86
N HIS B 69 15.91 11.25 4.87
CA HIS B 69 16.35 11.30 3.50
C HIS B 69 15.62 12.40 2.75
N LYS B 70 16.34 13.25 2.06
CA LYS B 70 15.76 14.41 1.36
C LYS B 70 15.17 14.01 0.04
N ALA B 71 13.99 14.48 -0.25
CA ALA B 71 13.28 14.31 -1.51
C ALA B 71 12.65 15.63 -1.90
N ILE B 72 12.34 15.77 -3.20
CA ILE B 72 11.60 16.93 -3.72
C ILE B 72 10.69 16.38 -4.81
N GLY B 73 9.38 16.43 -4.59
CA GLY B 73 8.52 15.79 -5.57
C GLY B 73 7.05 16.02 -5.30
N THR B 74 6.23 15.24 -5.96
CA THR B 74 4.81 15.48 -5.91
C THR B 74 4.17 14.94 -4.63
N VAL B 75 3.36 15.78 -4.02
CA VAL B 75 2.59 15.39 -2.86
C VAL B 75 1.13 15.68 -3.12
N LEU B 76 0.28 14.66 -2.89
CA LEU B 76 -1.17 14.75 -2.99
C LEU B 76 -1.76 15.01 -1.61
N VAL B 77 -2.70 15.93 -1.53
CA VAL B 77 -3.33 16.25 -0.24
C VAL B 77 -4.81 15.99 -0.33
N GLY B 78 -5.37 15.21 0.60
CA GLY B 78 -6.79 14.93 0.53
C GLY B 78 -7.20 14.01 1.67
N PRO B 79 -8.44 13.52 1.57
CA PRO B 79 -9.01 12.73 2.66
C PRO B 79 -8.61 11.29 2.68
N THR B 80 -7.32 11.07 2.82
CA THR B 80 -6.73 9.78 3.06
C THR B 80 -6.85 9.39 4.53
N PRO B 81 -7.11 8.12 4.83
CA PRO B 81 -7.09 7.70 6.23
C PRO B 81 -5.72 7.68 6.88
N ALA B 82 -4.67 7.79 6.10
CA ALA B 82 -3.31 7.80 6.62
C ALA B 82 -2.36 8.50 5.66
N ASN B 83 -1.31 9.08 6.24
CA ASN B 83 -0.23 9.63 5.41
C ASN B 83 0.54 8.46 4.82
N ILE B 84 0.70 8.49 3.49
CA ILE B 84 1.39 7.41 2.78
C ILE B 84 2.48 7.94 1.86
N ILE B 85 3.66 7.33 1.94
CA ILE B 85 4.75 7.63 1.05
C ILE B 85 4.74 6.55 -0.02
N GLY B 86 4.46 6.96 -1.25
CA GLY B 86 4.37 6.06 -2.37
C GLY B 86 5.63 6.00 -3.20
N ARG B 87 5.52 5.24 -4.30
CA ARG B 87 6.71 4.93 -5.05
C ARG B 87 7.37 6.14 -5.65
N ASN B 88 6.64 7.20 -5.92
CA ASN B 88 7.29 8.38 -6.50
C ASN B 88 8.39 8.91 -5.57
N LEU B 89 8.19 8.84 -4.27
CA LEU B 89 9.26 9.31 -3.34
C LEU B 89 10.09 8.15 -2.82
N LEU B 90 9.54 6.92 -2.72
CA LEU B 90 10.40 5.80 -2.33
C LEU B 90 11.57 5.62 -3.28
N THR B 91 11.35 5.83 -4.58
CA THR B 91 12.45 5.76 -5.54
C THR B 91 13.44 6.87 -5.30
N GLN B 92 13.00 8.06 -4.90
CA GLN B 92 13.96 9.15 -4.69
C GLN B 92 14.90 8.87 -3.53
N ILE B 93 14.42 8.11 -2.55
CA ILE B 93 15.26 7.82 -1.39
C ILE B 93 15.98 6.49 -1.52
N GLY B 94 15.83 5.81 -2.63
CA GLY B 94 16.60 4.62 -2.95
C GLY B 94 16.05 3.36 -2.34
N ALA B 95 14.75 3.35 -2.07
CA ALA B 95 14.12 2.20 -1.44
C ALA B 95 13.88 1.04 -2.41
N THR B 96 14.20 -0.17 -1.92
CA THR B 96 13.90 -1.42 -2.60
C THR B 96 13.23 -2.39 -1.64
N LEU B 97 12.51 -3.33 -2.23
CA LEU B 97 12.03 -4.48 -1.49
C LEU B 97 12.99 -5.64 -1.69
N ASN B 98 13.30 -6.38 -0.63
CA ASN B 98 14.27 -7.46 -0.75
C ASN B 98 13.77 -8.70 -0.02
N PHE B 99 13.97 -9.86 -0.62
CA PHE B 99 13.70 -11.13 0.02
C PHE B 99 14.49 -12.25 -0.64
N ARG C 1 -10.77 1.10 11.36
N ARG C 1 -6.39 6.72 -13.62
CA ARG C 1 -10.02 -0.10 11.00
CA ARG C 1 -6.60 6.56 -12.17
C ARG C 1 -9.14 0.04 9.75
C ARG C 1 -5.43 5.82 -11.53
N PRO C 2 -8.91 1.18 9.15
N PRO C 2 -4.43 6.57 -11.12
CA PRO C 2 -8.32 1.04 7.81
CA PRO C 2 -3.46 6.28 -10.07
C PRO C 2 -6.85 0.65 8.05
C PRO C 2 -4.03 5.33 -9.01
N GLY C 3 -6.45 -0.37 7.31
N GLY C 3 -3.24 4.41 -8.46
CA GLY C 3 -5.18 -1.00 7.24
CA GLY C 3 -3.62 3.42 -7.51
C GLY C 3 -4.79 -1.35 5.81
C GLY C 3 -2.91 3.53 -6.18
N ASN C 4 -5.53 -1.06 4.74
N ASN C 4 -3.69 3.63 -5.12
CA ASN C 4 -5.08 -1.42 3.40
CA ASN C 4 -3.05 3.77 -3.80
C ASN C 4 -4.90 -0.18 2.51
C ASN C 4 -3.69 2.73 -2.88
N FRD C 5 -3.68 0.25 2.37
N FRD C 5 -3.00 1.61 -2.79
CA FRD C 5 -3.27 1.31 1.48
CA FRD C 5 -3.23 0.47 -1.96
C FRD C 5 -2.46 0.77 0.33
C FRD C 5 -2.31 0.54 -0.75
CB FRD C 5 -2.45 2.31 2.32
CB FRD C 5 -3.02 -0.75 -2.86
CG FRD C 5 -3.30 2.80 3.47
CG FRD C 5 -4.24 -0.81 -3.76
CD1 FRD C 5 -3.12 2.24 4.71
CD1 FRD C 5 -4.05 -0.44 -5.07
CD2 FRD C 5 -4.24 3.79 3.28
CD2 FRD C 5 -5.47 -1.21 -3.23
CE1 FRD C 5 -3.86 2.66 5.79
CE1 FRD C 5 -5.12 -0.46 -5.94
CE2 FRD C 5 -4.99 4.20 4.35
CE2 FRD C 5 -6.54 -1.19 -4.09
CZ FRD C 5 -4.81 3.65 5.60
CZ FRD C 5 -6.33 -0.82 -5.41
N LEU C 6 -2.97 -0.10 -0.57
N LEU C 6 -2.52 1.46 0.20
CA LEU C 6 -3.07 0.18 -1.99
CA LEU C 6 -2.83 1.19 1.60
C LEU C 6 -3.52 1.55 -2.45
C LEU C 6 -4.10 0.39 1.87
N GLN C 7 -2.77 2.18 -3.33
N GLN C 7 -4.03 -0.60 2.77
CA GLN C 7 -3.21 3.44 -3.95
CA GLN C 7 -5.30 -1.28 3.09
C GLN C 7 -2.81 3.42 -5.41
C GLN C 7 -5.71 -1.31 4.57
N SER C 8 -3.67 3.96 -6.27
N SER C 8 -3.61 3.94 -6.14
N SER C 8 -4.93 -1.15 5.65
CA SER C 8 -3.33 4.06 -7.68
CA SER C 8 -3.30 3.92 -7.57
CA SER C 8 -5.80 -0.93 6.81
C SER C 8 -3.59 5.42 -8.31
C SER C 8 -3.81 5.18 -8.24
C SER C 8 -5.10 0.22 7.51
N ARG C 9 -2.70 5.82 -9.21
N ARG C 9 -5.71 1.01 8.39
CA ARG C 9 -2.92 6.92 -10.12
CA ARG C 9 -4.88 2.11 8.85
C ARG C 9 -4.17 6.64 -10.96
C ARG C 9 -5.08 2.60 10.26
N PRO C 10 -4.88 7.62 -11.48
N PRO C 10 -5.53 1.91 11.28
CA PRO C 10 -5.95 7.33 -12.43
CA PRO C 10 -5.38 2.28 12.70
C PRO C 10 -5.40 6.55 -13.62
C PRO C 10 -4.18 3.14 13.08
N NH2 C 11 -6.27 5.92 -14.29
N NH2 C 11 -3.97 3.24 14.33
NA NA D . -9.16 -22.18 7.03
CL CL E . -2.01 -14.26 8.89
CL CL F . 12.51 -11.28 10.33
C ACY G . 6.23 9.10 -10.34
O ACY G . 5.02 9.50 -10.14
OXT ACY G . 6.74 8.08 -9.84
CH3 ACY G . 7.04 10.01 -11.29
#